data_1SGH
#
_entry.id   1SGH
#
_cell.length_a   127.600
_cell.length_b   70.500
_cell.length_c   62.800
_cell.angle_alpha   90.00
_cell.angle_beta   106.10
_cell.angle_gamma   90.00
#
_symmetry.space_group_name_H-M   'C 1 2 1'
#
loop_
_entity.id
_entity.type
_entity.pdbx_description
1 polymer Moesin
2 polymer 'Ezrin-radixin-moesin binding phosphoprotein 50'
#
loop_
_entity_poly.entity_id
_entity_poly.type
_entity_poly.pdbx_seq_one_letter_code
_entity_poly.pdbx_strand_id
1 'polypeptide(L)'
;MPKTISVRVTTMDAELEFAIQPNTTGKQLFDQVVKTIGLREVWFFGLQYQDTKGFSTWLKLNKKVTAQDVRKESPLLFKF
RAKFYPEDVSEELIQDITQRLFFLQVKEGILNDDIYCPPETAVLLASYAVQSKYGDFNKEVHKSGYLAGDKLLPQRVLEQ
HKLNKDQWEERIQVWHEEHRGMLREDAVLEYLKIAQDLEMYGVNYFSIKNKKGSELWLGVDALGLNIYEQNDRLTPKIGF
PWSEIRNISFNDKKFVIKPIDKKAPDFVFYAPRLRINKRILALCMGNHELYMRRRKP
;
A
2 'polypeptide(L)' CLDFNISLAMAKERAHQKRSSKRAPQMDWSKKNELFSNL B
#
# COMPACT_ATOMS: atom_id res chain seq x y z
N THR A 4 29.13 -15.83 -13.63
CA THR A 4 27.80 -15.19 -13.43
C THR A 4 27.52 -14.81 -11.98
N ILE A 5 26.32 -14.25 -11.75
CA ILE A 5 25.88 -13.83 -10.42
C ILE A 5 24.81 -14.80 -9.90
N SER A 6 24.86 -15.10 -8.61
CA SER A 6 23.88 -15.97 -7.97
C SER A 6 22.81 -15.07 -7.35
N VAL A 7 21.64 -15.01 -7.99
CA VAL A 7 20.56 -14.15 -7.49
C VAL A 7 19.30 -14.94 -7.18
N ARG A 8 18.31 -14.26 -6.61
CA ARG A 8 17.04 -14.89 -6.26
C ARG A 8 15.98 -13.81 -6.12
N VAL A 9 14.87 -13.95 -6.83
CA VAL A 9 13.80 -12.94 -6.72
C VAL A 9 12.73 -13.49 -5.80
N THR A 10 12.20 -12.57 -5.00
CA THR A 10 11.19 -12.89 -4.01
C THR A 10 9.93 -12.12 -4.34
N THR A 11 8.79 -12.77 -4.20
CA THR A 11 7.50 -12.14 -4.45
C THR A 11 6.65 -12.27 -3.19
N MET A 12 5.40 -11.80 -3.26
CA MET A 12 4.52 -11.90 -2.10
C MET A 12 4.31 -13.37 -1.75
N ASP A 13 4.37 -14.21 -2.78
CA ASP A 13 4.17 -15.65 -2.64
C ASP A 13 5.20 -16.52 -3.32
N ALA A 14 5.75 -16.02 -4.43
CA ALA A 14 6.73 -16.76 -5.22
C ALA A 14 8.23 -16.48 -4.94
N GLU A 15 9.03 -17.50 -5.23
CA GLU A 15 10.46 -17.41 -5.02
C GLU A 15 11.21 -17.74 -6.33
N LEU A 16 11.65 -16.69 -7.02
CA LEU A 16 12.39 -16.83 -8.28
C LEU A 16 13.87 -16.85 -8.01
N GLU A 17 14.61 -17.55 -8.86
CA GLU A 17 16.07 -17.64 -8.76
C GLU A 17 16.61 -17.14 -10.10
N PHE A 18 17.87 -16.71 -10.12
CA PHE A 18 18.48 -16.20 -11.32
C PHE A 18 20.02 -16.21 -11.45
N ALA A 19 20.46 -15.61 -12.55
CA ALA A 19 21.88 -15.46 -12.90
C ALA A 19 22.00 -14.45 -14.04
N ILE A 20 23.08 -13.66 -13.99
CA ILE A 20 23.34 -12.68 -15.02
C ILE A 20 24.82 -12.32 -14.96
N GLN A 21 25.32 -11.81 -16.07
CA GLN A 21 26.71 -11.39 -16.15
C GLN A 21 26.77 -10.01 -15.49
N PRO A 22 27.96 -9.57 -15.06
CA PRO A 22 28.24 -8.28 -14.40
C PRO A 22 27.84 -7.01 -15.16
N ASN A 23 26.92 -7.15 -16.11
CA ASN A 23 26.46 -6.04 -16.95
C ASN A 23 25.02 -5.63 -16.69
N THR A 24 24.13 -6.64 -16.76
CA THR A 24 22.69 -6.46 -16.57
C THR A 24 22.30 -5.18 -15.81
N THR A 25 21.17 -4.60 -16.19
CA THR A 25 20.73 -3.39 -15.51
C THR A 25 19.38 -3.67 -14.91
N GLY A 26 18.89 -2.65 -14.22
CA GLY A 26 17.59 -2.75 -13.62
C GLY A 26 16.66 -3.17 -14.72
N LYS A 27 16.10 -2.18 -15.42
CA LYS A 27 15.18 -2.44 -16.52
C LYS A 27 15.28 -3.89 -16.93
N GLN A 28 16.37 -4.24 -17.60
CA GLN A 28 16.57 -5.60 -18.05
C GLN A 28 16.15 -6.49 -16.95
N LEU A 29 17.06 -6.66 -16.01
CA LEU A 29 16.82 -7.49 -14.84
C LEU A 29 15.32 -7.52 -14.56
N PHE A 30 14.80 -6.35 -14.20
CA PHE A 30 13.38 -6.14 -13.91
C PHE A 30 12.64 -7.14 -14.80
N ASP A 31 12.52 -6.73 -16.05
CA ASP A 31 11.83 -7.48 -17.09
C ASP A 31 11.99 -8.98 -17.06
N GLN A 32 13.18 -9.48 -16.76
CA GLN A 32 13.37 -10.93 -16.75
C GLN A 32 12.36 -11.66 -15.85
N VAL A 33 12.07 -11.10 -14.67
CA VAL A 33 11.12 -11.71 -13.74
C VAL A 33 9.70 -11.53 -14.25
N VAL A 34 9.33 -10.27 -14.44
CA VAL A 34 8.02 -9.88 -14.91
C VAL A 34 7.64 -10.74 -16.11
N LYS A 35 8.65 -11.32 -16.73
CA LYS A 35 8.53 -12.18 -17.90
C LYS A 35 8.09 -13.55 -17.45
N THR A 36 8.87 -14.06 -16.51
CA THR A 36 8.63 -15.35 -15.92
C THR A 36 7.19 -15.41 -15.40
N ILE A 37 6.86 -14.51 -14.48
CA ILE A 37 5.53 -14.46 -13.83
C ILE A 37 4.35 -14.02 -14.70
N GLY A 38 4.52 -14.04 -16.02
CA GLY A 38 3.43 -13.66 -16.90
C GLY A 38 2.72 -12.35 -16.61
N LEU A 39 3.28 -11.58 -15.69
CA LEU A 39 2.72 -10.28 -15.35
C LEU A 39 2.78 -9.45 -16.64
N ARG A 40 1.91 -8.45 -16.78
CA ARG A 40 1.87 -7.61 -17.98
C ARG A 40 1.16 -6.29 -17.71
N GLU A 41 1.39 -5.73 -16.52
CA GLU A 41 0.77 -4.48 -16.10
C GLU A 41 1.77 -3.77 -15.17
N VAL A 42 3.04 -4.16 -15.33
CA VAL A 42 4.19 -3.70 -14.57
C VAL A 42 4.42 -2.25 -14.16
N TRP A 43 3.68 -1.29 -14.70
CA TRP A 43 3.91 0.10 -14.30
C TRP A 43 3.43 0.39 -12.89
N PHE A 44 3.81 -0.48 -11.97
CA PHE A 44 3.44 -0.32 -10.60
C PHE A 44 4.54 -0.88 -9.75
N PHE A 45 4.84 -2.13 -10.03
CA PHE A 45 5.84 -2.87 -9.28
C PHE A 45 7.22 -2.32 -9.50
N GLY A 46 8.14 -2.79 -8.68
CA GLY A 46 9.52 -2.35 -8.77
C GLY A 46 10.38 -3.27 -7.92
N LEU A 47 11.67 -2.99 -7.78
CA LEU A 47 12.54 -3.86 -6.99
C LEU A 47 13.16 -3.25 -5.78
N GLN A 48 13.02 -3.96 -4.66
CA GLN A 48 13.57 -3.50 -3.40
C GLN A 48 14.68 -4.43 -3.00
N TYR A 49 15.66 -3.88 -2.31
CA TYR A 49 16.81 -4.67 -1.89
C TYR A 49 17.53 -4.04 -0.69
N GLN A 50 18.32 -4.88 -0.02
CA GLN A 50 19.09 -4.42 1.12
C GLN A 50 20.44 -3.96 0.64
N ASP A 51 20.68 -2.67 0.84
CA ASP A 51 21.92 -2.03 0.45
C ASP A 51 23.00 -2.40 1.43
N THR A 52 24.08 -1.64 1.38
CA THR A 52 25.21 -1.85 2.28
C THR A 52 24.92 -1.11 3.60
N LYS A 53 24.69 0.18 3.50
CA LYS A 53 24.41 1.02 4.66
C LYS A 53 23.51 0.33 5.68
N GLY A 54 22.36 -0.15 5.22
CA GLY A 54 21.42 -0.83 6.09
C GLY A 54 19.95 -0.58 5.77
N PHE A 55 19.65 -0.04 4.60
CA PHE A 55 18.26 0.24 4.23
C PHE A 55 17.68 -0.66 3.14
N SER A 56 16.42 -0.39 2.80
CA SER A 56 15.68 -1.11 1.78
C SER A 56 15.54 -0.12 0.64
N THR A 57 16.01 -0.46 -0.55
CA THR A 57 15.87 0.49 -1.64
C THR A 57 15.37 -0.08 -2.96
N TRP A 58 14.98 0.84 -3.82
CA TRP A 58 14.44 0.59 -5.13
C TRP A 58 15.49 0.62 -6.26
N LEU A 59 15.66 -0.51 -6.94
CA LEU A 59 16.63 -0.67 -8.04
C LEU A 59 16.47 0.44 -9.07
N LYS A 60 17.55 0.68 -9.83
CA LYS A 60 17.56 1.68 -10.89
C LYS A 60 17.55 0.94 -12.23
N LEU A 61 16.36 0.79 -12.80
CA LEU A 61 16.20 0.08 -14.06
C LEU A 61 17.25 0.53 -15.08
N ASN A 62 17.44 1.85 -15.17
CA ASN A 62 18.39 2.50 -16.10
C ASN A 62 19.86 2.54 -15.68
N LYS A 63 20.23 1.80 -14.64
CA LYS A 63 21.62 1.79 -14.19
C LYS A 63 22.10 0.36 -13.99
N LYS A 64 23.41 0.21 -13.89
CA LYS A 64 24.00 -1.09 -13.67
C LYS A 64 23.77 -1.39 -12.21
N VAL A 65 23.14 -2.52 -11.95
CA VAL A 65 22.86 -2.91 -10.59
C VAL A 65 24.19 -2.91 -9.82
N THR A 66 25.25 -3.29 -10.52
CA THR A 66 26.57 -3.32 -9.93
C THR A 66 26.90 -1.92 -9.44
N ALA A 67 26.76 -0.94 -10.33
CA ALA A 67 27.04 0.47 -10.02
C ALA A 67 26.42 0.73 -8.67
N GLN A 68 25.19 0.25 -8.57
CA GLN A 68 24.36 0.35 -7.39
C GLN A 68 24.98 -0.45 -6.23
N ASP A 69 24.80 0.08 -5.01
CA ASP A 69 25.37 -0.47 -3.78
C ASP A 69 24.59 -1.56 -3.02
N VAL A 70 24.46 -2.72 -3.64
CA VAL A 70 23.74 -3.84 -3.04
C VAL A 70 24.52 -4.39 -1.84
N ARG A 71 23.79 -4.91 -0.86
CA ARG A 71 24.43 -5.50 0.28
C ARG A 71 25.26 -6.61 -0.35
N LYS A 72 26.58 -6.47 -0.27
CA LYS A 72 27.51 -7.44 -0.85
C LYS A 72 27.36 -8.84 -0.19
N GLU A 73 26.95 -9.83 -0.99
CA GLU A 73 26.77 -11.20 -0.48
C GLU A 73 26.35 -12.15 -1.58
N SER A 74 25.83 -13.30 -1.18
CA SER A 74 25.37 -14.29 -2.15
C SER A 74 24.53 -15.44 -1.56
N PRO A 75 23.41 -15.79 -2.24
CA PRO A 75 23.05 -15.06 -3.47
C PRO A 75 22.60 -13.66 -3.13
N LEU A 76 22.24 -12.91 -4.17
CA LEU A 76 21.73 -11.57 -3.91
C LEU A 76 20.24 -11.80 -3.71
N LEU A 77 19.64 -10.97 -2.82
CA LEU A 77 18.21 -11.07 -2.52
C LEU A 77 17.40 -9.77 -2.79
N PHE A 78 16.34 -9.93 -3.60
CA PHE A 78 15.48 -8.82 -4.00
C PHE A 78 13.97 -9.03 -3.81
N LYS A 79 13.32 -7.98 -3.32
CA LYS A 79 11.89 -8.03 -3.13
C LYS A 79 11.19 -7.45 -4.36
N PHE A 80 10.00 -8.00 -4.64
CA PHE A 80 9.17 -7.60 -5.78
C PHE A 80 7.82 -7.00 -5.26
N ARG A 81 7.82 -5.70 -5.01
CA ARG A 81 6.67 -4.97 -4.45
C ARG A 81 6.05 -3.90 -5.34
N ALA A 82 4.73 -3.90 -5.44
CA ALA A 82 4.03 -2.91 -6.23
C ALA A 82 4.44 -1.62 -5.57
N LYS A 83 4.93 -0.69 -6.36
CA LYS A 83 5.36 0.57 -5.78
C LYS A 83 4.21 1.52 -5.60
N PHE A 84 3.45 1.78 -6.68
CA PHE A 84 2.31 2.71 -6.63
C PHE A 84 1.10 1.83 -6.67
N TYR A 85 0.02 2.27 -6.02
CA TYR A 85 -1.21 1.52 -6.00
C TYR A 85 -2.12 2.22 -6.98
N PRO A 86 -3.14 1.52 -7.51
CA PRO A 86 -4.13 2.02 -8.47
C PRO A 86 -5.32 2.71 -7.84
N GLU A 87 -5.72 3.82 -8.44
CA GLU A 87 -6.84 4.61 -7.96
C GLU A 87 -8.12 3.79 -7.77
N ASP A 88 -8.36 2.87 -8.69
CA ASP A 88 -9.53 2.00 -8.64
C ASP A 88 -9.19 0.63 -9.15
N VAL A 89 -8.76 -0.22 -8.24
CA VAL A 89 -8.36 -1.58 -8.56
C VAL A 89 -9.28 -2.19 -9.59
N SER A 90 -10.56 -2.32 -9.23
CA SER A 90 -11.57 -2.91 -10.09
C SER A 90 -11.30 -2.74 -11.59
N GLU A 91 -11.13 -1.48 -12.00
CA GLU A 91 -10.93 -1.15 -13.41
C GLU A 91 -9.53 -1.03 -13.98
N GLU A 92 -8.51 -1.09 -13.14
CA GLU A 92 -7.15 -0.97 -13.65
C GLU A 92 -6.38 -2.30 -13.59
N LEU A 93 -6.79 -3.20 -12.69
CA LEU A 93 -6.14 -4.49 -12.53
C LEU A 93 -6.81 -5.56 -13.39
N ILE A 94 -5.99 -6.42 -14.01
CA ILE A 94 -6.53 -7.47 -14.88
C ILE A 94 -5.97 -8.91 -14.87
N GLN A 95 -4.77 -9.14 -14.37
CA GLN A 95 -4.31 -10.52 -14.41
C GLN A 95 -4.48 -11.31 -13.11
N ASP A 96 -4.98 -12.54 -13.26
CA ASP A 96 -5.23 -13.47 -12.15
C ASP A 96 -4.05 -13.47 -11.23
N ILE A 97 -3.00 -12.83 -11.71
CA ILE A 97 -1.77 -12.75 -10.98
C ILE A 97 -1.57 -11.34 -10.43
N THR A 98 -1.67 -10.32 -11.27
CA THR A 98 -1.46 -8.96 -10.78
C THR A 98 -2.21 -8.77 -9.48
N GLN A 99 -3.46 -9.23 -9.46
CA GLN A 99 -4.31 -9.11 -8.29
C GLN A 99 -3.81 -9.99 -7.14
N ARG A 100 -3.56 -11.26 -7.39
CA ARG A 100 -3.08 -12.08 -6.30
C ARG A 100 -1.79 -11.42 -5.84
N LEU A 101 -1.23 -10.55 -6.66
CA LEU A 101 -0.01 -9.91 -6.20
C LEU A 101 -0.18 -8.75 -5.26
N PHE A 102 -1.24 -7.97 -5.44
CA PHE A 102 -1.46 -6.84 -4.53
C PHE A 102 -2.02 -7.39 -3.27
N PHE A 103 -3.11 -8.14 -3.41
CA PHE A 103 -3.80 -8.74 -2.28
C PHE A 103 -2.84 -9.18 -1.17
N LEU A 104 -1.84 -9.95 -1.53
CA LEU A 104 -0.87 -10.41 -0.56
C LEU A 104 -0.13 -9.22 0.10
N GLN A 105 0.39 -8.34 -0.74
CA GLN A 105 1.09 -7.19 -0.20
C GLN A 105 0.15 -6.48 0.73
N VAL A 106 -1.01 -6.09 0.22
CA VAL A 106 -2.00 -5.39 1.05
C VAL A 106 -2.29 -6.10 2.35
N LYS A 107 -2.93 -7.26 2.22
CA LYS A 107 -3.32 -8.06 3.37
C LYS A 107 -2.18 -8.15 4.34
N GLU A 108 -1.11 -8.82 3.94
CA GLU A 108 0.05 -8.96 4.82
C GLU A 108 0.27 -7.68 5.63
N GLY A 109 0.10 -6.55 4.96
CA GLY A 109 0.28 -5.25 5.58
C GLY A 109 -0.74 -4.96 6.65
N ILE A 110 -1.99 -5.38 6.45
CA ILE A 110 -3.02 -5.13 7.44
C ILE A 110 -2.76 -5.98 8.64
N LEU A 111 -2.34 -7.22 8.40
CA LEU A 111 -2.03 -8.14 9.48
C LEU A 111 -0.87 -7.66 10.32
N ASN A 112 -0.65 -6.36 10.30
CA ASN A 112 0.43 -5.74 11.06
C ASN A 112 -0.01 -4.40 11.61
N ASP A 113 -1.30 -4.12 11.44
CA ASP A 113 -1.89 -2.85 11.85
C ASP A 113 -1.10 -1.73 11.18
N ASP A 114 -0.44 -2.06 10.09
CA ASP A 114 0.32 -1.08 9.35
C ASP A 114 -0.72 -0.33 8.55
N ILE A 115 -1.96 -0.77 8.70
CA ILE A 115 -3.08 -0.13 8.05
C ILE A 115 -4.26 -0.24 9.00
N TYR A 116 -4.60 0.84 9.68
CA TYR A 116 -5.72 0.77 10.63
C TYR A 116 -6.89 0.16 9.91
N CYS A 117 -7.66 -0.63 10.64
CA CYS A 117 -8.86 -1.29 10.12
C CYS A 117 -9.86 -1.63 11.22
N PRO A 118 -10.97 -0.88 11.29
CA PRO A 118 -12.02 -1.11 12.31
C PRO A 118 -12.58 -2.54 12.36
N PRO A 119 -12.78 -3.06 13.59
CA PRO A 119 -13.30 -4.42 13.74
C PRO A 119 -14.39 -4.85 12.78
N GLU A 120 -15.47 -4.09 12.68
CA GLU A 120 -16.55 -4.53 11.81
C GLU A 120 -16.00 -4.87 10.46
N THR A 121 -15.27 -3.93 9.87
CA THR A 121 -14.70 -4.13 8.54
C THR A 121 -13.47 -5.01 8.57
N ALA A 122 -12.92 -5.22 9.75
CA ALA A 122 -11.76 -6.07 9.88
C ALA A 122 -12.11 -7.49 9.52
N VAL A 123 -13.34 -7.88 9.85
CA VAL A 123 -13.80 -9.24 9.56
C VAL A 123 -14.25 -9.46 8.13
N LEU A 124 -15.20 -8.64 7.66
CA LEU A 124 -15.67 -8.78 6.30
C LEU A 124 -14.47 -9.15 5.43
N LEU A 125 -13.34 -8.50 5.66
CA LEU A 125 -12.14 -8.82 4.89
C LEU A 125 -11.79 -10.28 5.14
N ALA A 126 -11.24 -10.55 6.31
CA ALA A 126 -10.87 -11.91 6.62
C ALA A 126 -12.00 -12.86 6.18
N SER A 127 -13.25 -12.43 6.28
CA SER A 127 -14.29 -13.34 5.84
C SER A 127 -14.03 -13.73 4.39
N TYR A 128 -13.43 -12.79 3.66
CA TYR A 128 -13.07 -12.95 2.26
C TYR A 128 -11.64 -13.48 2.16
N ALA A 129 -10.82 -13.07 3.10
CA ALA A 129 -9.43 -13.49 3.16
C ALA A 129 -9.25 -14.99 3.29
N VAL A 130 -10.37 -15.67 3.56
CA VAL A 130 -10.44 -17.13 3.74
C VAL A 130 -11.30 -17.71 2.63
N GLN A 131 -12.41 -17.06 2.34
CA GLN A 131 -13.29 -17.49 1.29
C GLN A 131 -12.47 -18.11 0.20
N SER A 132 -11.30 -17.52 -0.07
CA SER A 132 -10.41 -18.03 -1.12
C SER A 132 -9.56 -19.20 -0.69
N LYS A 133 -8.75 -18.96 0.35
CA LYS A 133 -7.83 -19.96 0.84
C LYS A 133 -8.42 -21.34 1.03
N TYR A 134 -9.68 -21.42 1.41
CA TYR A 134 -10.33 -22.70 1.62
C TYR A 134 -11.44 -22.85 0.62
N GLY A 135 -11.55 -21.91 -0.32
CA GLY A 135 -12.63 -21.99 -1.28
C GLY A 135 -13.89 -22.04 -0.44
N ASP A 136 -14.80 -22.96 -0.74
CA ASP A 136 -16.03 -23.08 0.06
C ASP A 136 -15.72 -23.85 1.37
N PHE A 137 -16.57 -23.68 2.38
CA PHE A 137 -16.31 -24.35 3.67
C PHE A 137 -16.65 -25.84 3.70
N ASN A 138 -16.06 -26.54 4.67
CA ASN A 138 -16.29 -27.98 4.84
C ASN A 138 -16.37 -28.36 6.30
N LYS A 139 -17.53 -28.84 6.69
CA LYS A 139 -17.75 -29.27 8.05
C LYS A 139 -16.87 -30.50 8.22
N GLU A 140 -16.58 -31.15 7.09
CA GLU A 140 -15.72 -32.34 7.06
C GLU A 140 -14.23 -32.00 6.93
N VAL A 141 -13.90 -31.01 6.09
CA VAL A 141 -12.50 -30.63 5.96
C VAL A 141 -12.19 -29.59 7.04
N HIS A 142 -12.99 -28.52 7.05
CA HIS A 142 -12.78 -27.40 7.97
C HIS A 142 -13.45 -27.59 9.31
N LYS A 143 -12.98 -28.62 9.98
CA LYS A 143 -13.45 -28.98 11.30
C LYS A 143 -12.84 -27.93 12.26
N SER A 144 -12.93 -28.17 13.56
CA SER A 144 -12.38 -27.25 14.56
C SER A 144 -10.84 -27.15 14.47
N GLY A 145 -10.31 -26.00 14.85
CA GLY A 145 -8.87 -25.73 14.82
C GLY A 145 -8.39 -25.34 13.44
N TYR A 146 -9.16 -25.72 12.42
CA TYR A 146 -8.82 -25.48 11.03
C TYR A 146 -8.26 -24.09 10.73
N LEU A 147 -8.76 -23.07 11.44
CA LEU A 147 -8.30 -21.70 11.23
C LEU A 147 -7.41 -21.24 12.37
N ALA A 148 -6.87 -22.21 13.11
CA ALA A 148 -6.04 -21.88 14.26
C ALA A 148 -4.55 -21.71 13.93
N GLY A 149 -4.11 -22.30 12.81
CA GLY A 149 -2.70 -22.21 12.40
C GLY A 149 -2.52 -21.08 11.41
N ASP A 150 -3.51 -20.19 11.43
CA ASP A 150 -3.51 -19.05 10.55
C ASP A 150 -3.59 -17.76 11.38
N LYS A 151 -3.35 -16.65 10.69
CA LYS A 151 -3.45 -15.31 11.25
C LYS A 151 -4.58 -14.69 10.39
N LEU A 152 -5.50 -13.98 11.03
CA LEU A 152 -6.60 -13.42 10.26
C LEU A 152 -7.09 -12.07 10.73
N LEU A 153 -6.66 -11.66 11.92
CA LEU A 153 -7.06 -10.37 12.46
C LEU A 153 -5.87 -9.57 13.03
N PRO A 154 -5.96 -8.25 12.96
CA PRO A 154 -4.87 -7.42 13.49
C PRO A 154 -4.92 -7.40 15.01
N GLN A 155 -3.84 -7.90 15.59
CA GLN A 155 -3.64 -7.97 17.04
C GLN A 155 -4.44 -6.89 17.74
N ARG A 156 -4.35 -5.69 17.20
CA ARG A 156 -5.07 -4.57 17.76
C ARG A 156 -6.52 -4.98 17.95
N VAL A 157 -7.21 -5.36 16.86
CA VAL A 157 -8.61 -5.72 16.97
C VAL A 157 -8.87 -6.77 18.04
N LEU A 158 -7.99 -7.79 18.08
CA LEU A 158 -8.11 -8.89 19.05
C LEU A 158 -8.31 -8.32 20.44
N GLU A 159 -7.28 -7.61 20.90
CA GLU A 159 -7.23 -7.00 22.22
C GLU A 159 -8.29 -5.93 22.58
N GLN A 160 -9.23 -5.69 21.67
CA GLN A 160 -10.30 -4.72 21.90
C GLN A 160 -11.56 -5.47 22.31
N HIS A 161 -11.47 -6.79 22.19
CA HIS A 161 -12.60 -7.62 22.54
C HIS A 161 -12.15 -8.87 23.36
N LYS A 162 -12.85 -9.10 24.47
CA LYS A 162 -12.61 -10.23 25.37
C LYS A 162 -13.13 -11.51 24.72
N LEU A 163 -12.48 -11.89 23.64
CA LEU A 163 -12.89 -13.10 22.99
C LEU A 163 -11.64 -13.91 22.91
N ASN A 164 -11.78 -15.19 23.24
CA ASN A 164 -10.67 -16.13 23.17
C ASN A 164 -10.52 -16.45 21.67
N LYS A 165 -9.32 -16.86 21.28
CA LYS A 165 -9.02 -17.16 19.89
C LYS A 165 -10.25 -17.76 19.15
N ASP A 166 -10.79 -18.86 19.68
CA ASP A 166 -11.94 -19.52 19.06
C ASP A 166 -13.24 -18.70 19.08
N GLN A 167 -13.48 -17.92 20.13
CA GLN A 167 -14.69 -17.10 20.13
C GLN A 167 -14.71 -16.40 18.78
N TRP A 168 -13.58 -15.75 18.50
CA TRP A 168 -13.36 -15.02 17.25
C TRP A 168 -13.46 -15.93 16.04
N GLU A 169 -12.68 -17.01 16.07
CA GLU A 169 -12.72 -17.96 14.97
C GLU A 169 -14.20 -18.32 14.81
N GLU A 170 -14.79 -18.86 15.88
CA GLU A 170 -16.20 -19.27 15.91
C GLU A 170 -17.04 -18.25 15.17
N ARG A 171 -16.69 -16.99 15.37
CA ARG A 171 -17.42 -15.90 14.76
C ARG A 171 -17.09 -15.70 13.29
N ILE A 172 -15.88 -16.07 12.87
CA ILE A 172 -15.53 -15.88 11.46
C ILE A 172 -16.20 -16.90 10.60
N GLN A 173 -16.06 -18.15 11.04
CA GLN A 173 -16.61 -19.34 10.41
C GLN A 173 -17.92 -18.94 9.71
N VAL A 174 -18.78 -18.42 10.56
CA VAL A 174 -20.10 -17.95 10.21
C VAL A 174 -20.19 -17.12 8.94
N TRP A 175 -19.27 -16.17 8.79
CA TRP A 175 -19.25 -15.31 7.61
C TRP A 175 -18.55 -15.96 6.44
N HIS A 176 -17.67 -16.92 6.74
CA HIS A 176 -17.01 -17.60 5.63
C HIS A 176 -18.08 -18.40 4.95
N GLU A 177 -18.89 -19.02 5.80
CA GLU A 177 -20.00 -19.85 5.36
C GLU A 177 -20.67 -19.08 4.23
N GLU A 178 -21.17 -17.90 4.56
CA GLU A 178 -21.86 -17.03 3.60
C GLU A 178 -21.21 -16.83 2.24
N HIS A 179 -19.91 -17.11 2.15
CA HIS A 179 -19.15 -16.91 0.91
C HIS A 179 -19.15 -18.10 -0.05
N ARG A 180 -19.89 -19.13 0.32
CA ARG A 180 -20.01 -20.34 -0.47
C ARG A 180 -20.49 -20.03 -1.86
N GLY A 181 -19.84 -20.63 -2.85
CA GLY A 181 -20.24 -20.41 -4.23
C GLY A 181 -19.35 -19.37 -4.89
N MET A 182 -18.36 -18.90 -4.14
CA MET A 182 -17.44 -17.91 -4.67
C MET A 182 -16.13 -18.52 -5.10
N LEU A 183 -15.74 -18.18 -6.32
CA LEU A 183 -14.48 -18.61 -6.92
C LEU A 183 -13.37 -17.84 -6.21
N ARG A 184 -12.35 -18.54 -5.73
CA ARG A 184 -11.24 -17.89 -5.05
C ARG A 184 -10.69 -16.67 -5.80
N GLU A 185 -11.40 -16.21 -6.83
CA GLU A 185 -10.95 -15.05 -7.58
C GLU A 185 -11.67 -13.77 -7.19
N ASP A 186 -12.98 -13.74 -7.30
CA ASP A 186 -13.70 -12.54 -6.91
C ASP A 186 -13.65 -12.43 -5.40
N ALA A 187 -13.33 -13.52 -4.72
CA ALA A 187 -13.21 -13.51 -3.28
C ALA A 187 -12.23 -12.43 -2.98
N VAL A 188 -11.17 -12.42 -3.78
CA VAL A 188 -10.11 -11.44 -3.61
C VAL A 188 -10.52 -10.04 -4.00
N LEU A 189 -10.86 -9.87 -5.26
CA LEU A 189 -11.29 -8.57 -5.71
C LEU A 189 -12.18 -7.94 -4.63
N GLU A 190 -13.26 -8.64 -4.32
CA GLU A 190 -14.22 -8.22 -3.31
C GLU A 190 -13.45 -7.88 -2.06
N TYR A 191 -12.36 -8.59 -1.83
CA TYR A 191 -11.53 -8.33 -0.68
C TYR A 191 -10.84 -7.03 -0.93
N LEU A 192 -10.25 -6.86 -2.09
CA LEU A 192 -9.61 -5.59 -2.27
C LEU A 192 -10.66 -4.53 -2.32
N LYS A 193 -11.52 -4.53 -3.33
CA LYS A 193 -12.56 -3.52 -3.44
C LYS A 193 -13.02 -3.10 -2.05
N ILE A 194 -12.77 -3.94 -1.05
CA ILE A 194 -13.13 -3.62 0.31
C ILE A 194 -12.03 -2.81 0.95
N ALA A 195 -10.86 -3.39 0.96
CA ALA A 195 -9.68 -2.80 1.54
C ALA A 195 -9.26 -1.49 0.89
N GLN A 196 -9.32 -1.43 -0.43
CA GLN A 196 -8.93 -0.24 -1.19
C GLN A 196 -9.55 1.07 -0.71
N ASP A 197 -10.53 1.00 0.18
CA ASP A 197 -11.15 2.22 0.69
C ASP A 197 -10.74 2.55 2.11
N LEU A 198 -9.94 1.69 2.73
CA LEU A 198 -9.50 1.95 4.09
C LEU A 198 -8.78 3.27 4.01
N GLU A 199 -8.72 3.99 5.13
CA GLU A 199 -8.05 5.26 5.14
C GLU A 199 -6.62 5.23 4.74
N MET A 200 -5.84 4.44 5.43
CA MET A 200 -4.43 4.42 5.10
C MET A 200 -4.00 3.75 3.78
N TYR A 201 -4.89 3.00 3.14
CA TYR A 201 -4.57 2.27 1.91
C TYR A 201 -3.65 2.98 0.93
N GLY A 202 -2.80 2.24 0.23
CA GLY A 202 -1.90 2.86 -0.75
C GLY A 202 -1.45 4.31 -0.53
N VAL A 203 -0.83 4.56 0.63
CA VAL A 203 -0.33 5.87 1.01
C VAL A 203 1.00 5.78 1.70
N ASN A 204 2.09 6.11 0.99
CA ASN A 204 3.42 6.06 1.58
C ASN A 204 3.44 7.21 2.53
N TYR A 205 4.01 7.01 3.71
CA TYR A 205 4.00 8.06 4.71
C TYR A 205 5.40 8.64 4.95
N PHE A 206 5.44 9.86 5.47
CA PHE A 206 6.70 10.54 5.76
C PHE A 206 6.44 11.57 6.84
N SER A 207 7.41 11.72 7.73
CA SER A 207 7.30 12.68 8.82
C SER A 207 7.87 14.00 8.31
N ILE A 208 7.26 15.10 8.70
CA ILE A 208 7.74 16.37 8.19
C ILE A 208 7.64 17.58 9.07
N LYS A 209 8.52 18.54 8.75
CA LYS A 209 8.62 19.79 9.45
C LYS A 209 8.29 21.04 8.62
N ASN A 210 7.70 22.03 9.31
CA ASN A 210 7.29 23.31 8.71
C ASN A 210 8.34 24.43 8.86
N LYS A 211 7.85 25.65 9.09
CA LYS A 211 8.72 26.82 9.31
C LYS A 211 8.99 26.82 10.80
N LYS A 212 7.90 26.98 11.55
CA LYS A 212 7.94 27.05 12.99
C LYS A 212 8.04 25.75 13.79
N GLY A 213 8.94 24.87 13.34
CA GLY A 213 9.20 23.62 14.05
C GLY A 213 8.19 22.48 14.18
N SER A 214 6.90 22.75 14.23
CA SER A 214 5.92 21.67 14.38
C SER A 214 6.28 20.39 13.58
N GLU A 215 5.92 19.23 14.14
CA GLU A 215 6.19 17.93 13.50
C GLU A 215 4.90 17.17 13.11
N LEU A 216 4.94 16.46 11.99
CA LEU A 216 3.76 15.75 11.50
C LEU A 216 3.97 14.80 10.30
N TRP A 217 2.89 14.45 9.60
CA TRP A 217 3.01 13.53 8.49
C TRP A 217 2.64 14.04 7.10
N LEU A 218 3.45 13.62 6.13
CA LEU A 218 3.24 13.97 4.75
C LEU A 218 2.54 12.80 4.10
N GLY A 219 1.51 13.10 3.33
CA GLY A 219 0.78 12.05 2.68
C GLY A 219 1.01 12.01 1.20
N VAL A 220 1.78 11.03 0.74
CA VAL A 220 2.05 10.89 -0.67
C VAL A 220 1.41 9.60 -1.10
N ASP A 221 0.52 9.68 -2.07
CA ASP A 221 -0.19 8.50 -2.53
C ASP A 221 -0.70 8.78 -3.93
N ALA A 222 -0.93 7.74 -4.72
CA ALA A 222 -1.36 7.89 -6.11
C ALA A 222 -2.46 8.90 -6.45
N LEU A 223 -2.70 9.87 -5.58
CA LEU A 223 -3.72 10.88 -5.87
C LEU A 223 -3.13 12.29 -5.83
N GLY A 224 -2.42 12.56 -4.76
CA GLY A 224 -1.84 13.86 -4.56
C GLY A 224 -1.17 13.79 -3.21
N LEU A 225 -1.36 14.79 -2.37
CA LEU A 225 -0.67 14.76 -1.12
C LEU A 225 -1.61 15.13 -0.04
N ASN A 226 -1.24 14.79 1.18
CA ASN A 226 -2.05 15.08 2.33
C ASN A 226 -1.15 15.39 3.51
N ILE A 227 -1.53 16.41 4.26
CA ILE A 227 -0.76 16.74 5.45
C ILE A 227 -1.56 16.46 6.67
N TYR A 228 -1.02 15.51 7.43
CA TYR A 228 -1.67 15.04 8.64
C TYR A 228 -0.97 15.53 9.87
N GLU A 229 -1.78 15.70 10.90
CA GLU A 229 -1.38 16.13 12.23
C GLU A 229 -0.54 14.96 12.74
N GLN A 230 0.06 15.08 13.92
CA GLN A 230 0.89 13.97 14.40
C GLN A 230 0.13 12.68 14.67
N ASN A 231 -1.17 12.78 14.94
CA ASN A 231 -1.99 11.61 15.24
C ASN A 231 -3.14 11.28 14.28
N ASP A 232 -3.77 12.29 13.69
CA ASP A 232 -4.85 12.02 12.76
C ASP A 232 -4.31 11.74 11.38
N ARG A 233 -3.79 10.51 11.23
CA ARG A 233 -3.19 9.99 10.00
C ARG A 233 -4.31 9.39 9.21
N LEU A 234 -5.41 9.14 9.91
CA LEU A 234 -6.55 8.61 9.22
C LEU A 234 -6.91 9.78 8.36
N THR A 235 -7.68 10.70 8.93
CA THR A 235 -8.14 11.88 8.22
C THR A 235 -7.12 13.03 8.16
N PRO A 236 -6.80 13.47 6.94
CA PRO A 236 -5.86 14.56 6.66
C PRO A 236 -6.49 15.90 6.96
N LYS A 237 -5.66 16.95 7.00
CA LYS A 237 -6.10 18.32 7.29
C LYS A 237 -5.89 19.32 6.17
N ILE A 238 -5.10 18.92 5.18
CA ILE A 238 -4.81 19.77 4.02
C ILE A 238 -4.47 18.85 2.86
N GLY A 239 -4.83 19.26 1.64
CA GLY A 239 -4.56 18.43 0.49
C GLY A 239 -4.24 19.11 -0.81
N PHE A 240 -3.57 18.37 -1.68
CA PHE A 240 -3.15 18.92 -2.96
C PHE A 240 -3.04 17.82 -3.99
N PRO A 241 -3.96 17.79 -4.95
CA PRO A 241 -4.03 16.80 -6.02
C PRO A 241 -3.06 16.99 -7.17
N TRP A 242 -2.59 15.86 -7.68
CA TRP A 242 -1.66 15.81 -8.79
C TRP A 242 -1.99 16.75 -9.95
N SER A 243 -3.23 17.23 -10.02
CA SER A 243 -3.60 18.14 -11.12
C SER A 243 -3.24 19.56 -10.73
N GLU A 244 -3.25 19.80 -9.43
CA GLU A 244 -2.94 21.11 -8.92
C GLU A 244 -1.44 21.40 -8.67
N ILE A 245 -0.57 20.53 -9.16
CA ILE A 245 0.86 20.75 -8.94
C ILE A 245 1.69 20.66 -10.22
N ARG A 246 2.40 21.76 -10.51
CA ARG A 246 3.24 21.86 -11.70
C ARG A 246 4.67 21.42 -11.40
N ASN A 247 5.18 21.72 -10.20
CA ASN A 247 6.53 21.28 -9.85
C ASN A 247 6.94 21.10 -8.39
N ILE A 248 7.98 20.28 -8.23
CA ILE A 248 8.54 19.91 -6.94
C ILE A 248 10.02 19.48 -7.05
N SER A 249 10.72 19.56 -5.91
CA SER A 249 12.13 19.15 -5.80
C SER A 249 12.68 19.61 -4.44
N PHE A 250 13.90 19.17 -4.13
CA PHE A 250 14.53 19.55 -2.88
C PHE A 250 15.99 20.07 -3.03
N ASN A 251 16.41 20.86 -2.03
CA ASN A 251 17.75 21.43 -1.94
C ASN A 251 18.25 21.00 -0.56
N ASP A 252 19.01 19.90 -0.55
CA ASP A 252 19.51 19.34 0.70
C ASP A 252 18.33 18.93 1.58
N LYS A 253 17.78 19.88 2.34
CA LYS A 253 16.67 19.52 3.22
C LYS A 253 15.32 20.16 2.94
N LYS A 254 15.27 21.05 1.94
CA LYS A 254 14.02 21.75 1.58
C LYS A 254 13.12 21.08 0.53
N PHE A 255 11.81 21.10 0.78
CA PHE A 255 10.87 20.52 -0.18
C PHE A 255 9.98 21.56 -0.79
N VAL A 256 10.23 21.79 -2.08
CA VAL A 256 9.55 22.79 -2.90
C VAL A 256 8.61 22.26 -3.98
N ILE A 257 7.32 22.51 -3.80
CA ILE A 257 6.26 22.08 -4.71
C ILE A 257 5.51 23.27 -5.31
N LYS A 258 5.74 23.54 -6.60
CA LYS A 258 5.10 24.66 -7.32
C LYS A 258 3.66 24.41 -7.78
N PRO A 259 2.68 25.19 -7.27
CA PRO A 259 1.26 25.08 -7.62
C PRO A 259 1.06 25.48 -9.05
N ILE A 260 -0.18 25.80 -9.43
CA ILE A 260 -0.44 26.20 -10.82
C ILE A 260 -1.24 27.49 -11.03
N ASP A 261 -0.50 28.49 -11.51
CA ASP A 261 -0.92 29.84 -11.85
C ASP A 261 0.34 30.66 -11.57
N LYS A 262 0.28 31.50 -10.55
CA LYS A 262 1.44 32.26 -10.17
C LYS A 262 1.08 33.05 -8.93
N LYS A 263 -0.22 33.12 -8.67
CA LYS A 263 -0.71 33.84 -7.50
C LYS A 263 -0.67 33.07 -6.17
N ALA A 264 -0.83 31.74 -6.25
CA ALA A 264 -0.76 30.88 -5.07
C ALA A 264 0.71 30.72 -4.70
N PRO A 265 1.08 31.04 -3.45
CA PRO A 265 2.46 30.95 -2.93
C PRO A 265 3.26 29.74 -3.44
N ASP A 266 4.43 29.48 -2.86
CA ASP A 266 5.22 28.33 -3.31
C ASP A 266 5.33 27.28 -2.20
N PHE A 267 4.86 26.06 -2.47
CA PHE A 267 4.84 24.99 -1.49
C PHE A 267 6.13 24.31 -1.09
N VAL A 268 6.50 24.50 0.18
CA VAL A 268 7.72 23.91 0.74
C VAL A 268 7.58 23.55 2.21
N PHE A 269 8.23 22.45 2.59
CA PHE A 269 8.26 21.95 3.97
C PHE A 269 9.68 21.43 4.28
N TYR A 270 9.84 20.73 5.41
CA TYR A 270 11.19 20.23 5.79
C TYR A 270 11.43 18.83 6.35
N ALA A 271 12.19 18.06 5.57
CA ALA A 271 12.58 16.70 5.89
C ALA A 271 14.00 16.72 6.46
N PRO A 272 14.20 16.18 7.66
CA PRO A 272 15.50 16.13 8.35
C PRO A 272 16.47 15.22 7.65
N ARG A 273 15.92 14.27 6.91
CA ARG A 273 16.72 13.31 6.19
C ARG A 273 16.57 13.52 4.71
N LEU A 274 17.61 13.22 3.97
CA LEU A 274 17.56 13.42 2.55
C LEU A 274 16.87 12.26 1.84
N ARG A 275 17.40 11.03 2.01
CA ARG A 275 16.86 9.80 1.37
C ARG A 275 15.33 9.80 1.26
N ILE A 276 14.72 10.44 2.22
CA ILE A 276 13.29 10.59 2.30
C ILE A 276 12.89 11.47 1.15
N ASN A 277 13.60 12.59 1.04
CA ASN A 277 13.37 13.57 -0.02
C ASN A 277 13.67 12.90 -1.34
N LYS A 278 14.72 12.10 -1.38
CA LYS A 278 15.07 11.41 -2.59
C LYS A 278 13.94 10.47 -2.96
N ARG A 279 13.27 9.94 -1.95
CA ARG A 279 12.13 9.03 -2.17
C ARG A 279 10.88 9.87 -2.41
N ILE A 280 10.63 10.81 -1.50
CA ILE A 280 9.47 11.66 -1.60
C ILE A 280 9.31 12.19 -3.01
N LEU A 281 10.45 12.51 -3.61
CA LEU A 281 10.45 12.98 -4.98
C LEU A 281 10.00 11.78 -5.78
N ALA A 282 10.96 10.89 -6.03
CA ALA A 282 10.75 9.66 -6.77
C ALA A 282 9.29 9.23 -6.75
N LEU A 283 8.72 9.20 -5.54
CA LEU A 283 7.33 8.81 -5.36
C LEU A 283 6.38 9.85 -5.92
N CYS A 284 6.49 11.09 -5.45
CA CYS A 284 5.65 12.17 -5.93
C CYS A 284 5.61 12.19 -7.46
N MET A 285 6.75 11.90 -8.08
CA MET A 285 6.85 11.87 -9.54
C MET A 285 5.95 10.79 -10.07
N GLY A 286 6.46 9.57 -10.05
CA GLY A 286 5.70 8.42 -10.52
C GLY A 286 4.22 8.63 -10.28
N ASN A 287 3.81 8.73 -9.03
CA ASN A 287 2.40 8.95 -8.76
C ASN A 287 1.89 9.97 -9.75
N HIS A 288 2.05 11.25 -9.46
CA HIS A 288 1.60 12.25 -10.39
C HIS A 288 1.70 11.74 -11.84
N GLU A 289 2.90 11.52 -12.35
CA GLU A 289 3.04 11.02 -13.70
C GLU A 289 1.97 9.98 -14.07
N LEU A 290 1.84 8.94 -13.24
CA LEU A 290 0.84 7.89 -13.47
C LEU A 290 -0.53 8.52 -13.54
N TYR A 291 -0.78 9.45 -12.64
CA TYR A 291 -2.03 10.15 -12.56
C TYR A 291 -2.42 10.67 -13.92
N MET A 292 -1.43 11.16 -14.65
CA MET A 292 -1.63 11.78 -15.97
C MET A 292 -1.98 10.90 -17.16
N ARG A 293 -1.09 9.99 -17.55
CA ARG A 293 -1.39 9.11 -18.68
C ARG A 293 -2.78 8.48 -18.46
N ARG A 294 -3.21 8.41 -17.21
CA ARG A 294 -4.51 7.84 -16.90
C ARG A 294 -5.60 8.71 -17.48
N ARG A 295 -5.67 9.94 -17.00
CA ARG A 295 -6.70 10.87 -17.47
C ARG A 295 -6.43 11.47 -18.85
N LYS A 296 -5.28 11.15 -19.43
CA LYS A 296 -4.91 11.64 -20.76
C LYS A 296 -3.74 10.86 -21.33
N PRO A 297 -4.01 9.59 -21.68
CA PRO A 297 -3.13 8.54 -22.25
C PRO A 297 -2.20 8.93 -23.42
CA LEU B 2 -16.83 -4.07 20.33
CA ASP B 3 -20.12 -5.74 20.73
CA PHE B 4 -19.23 -8.29 18.17
CA ASN B 5 -21.71 -11.11 17.34
CA ILE B 6 -24.55 -8.62 16.68
CA SER B 7 -22.14 -6.54 14.60
CA LEU B 8 -21.14 -9.61 12.53
CA ALA B 9 -24.83 -10.60 12.14
CA MET B 10 -25.81 -7.18 10.87
CA ALA B 11 -22.90 -7.17 8.37
CA LYS B 12 -23.98 -10.54 7.06
CA GLU B 13 -26.02 -7.95 5.18
CA ARG B 14 -22.59 -7.54 3.70
CA ALA B 15 -21.09 -4.00 3.68
CA HIS B 16 -22.93 -0.90 4.93
CA GLN B 17 -19.55 0.45 6.20
CA LYS B 18 -17.77 -0.37 2.91
CA ARG B 19 -18.90 3.27 2.35
CA SER B 20 -16.77 5.58 0.21
CA SER B 21 -14.99 9.01 0.89
CA LYS B 22 -12.87 11.53 -1.21
CA ARG B 23 -14.16 14.23 1.09
CA ALA B 24 -14.37 17.96 0.51
CA PRO B 25 -11.84 20.59 1.64
CA GLN B 26 -10.31 23.42 -0.25
CA MET B 27 -10.62 26.86 -1.83
CA ASP B 28 -7.74 28.91 -0.75
CA TRP B 29 -4.11 27.91 -1.33
CA SER B 30 -2.63 30.66 0.88
CA LYS B 31 -4.87 29.79 3.83
CA LYS B 32 -3.87 26.14 3.68
CA ASN B 33 -0.19 26.93 3.27
CA GLU B 34 -0.48 29.22 6.33
CA LEU B 35 -2.07 26.48 8.42
CA PHE B 36 0.76 24.20 7.29
CA SER B 37 3.39 26.65 8.55
CA ASN B 38 1.50 27.01 11.81
CA LEU B 39 1.53 23.23 12.41
#